data_4KYQ
#
_entry.id   4KYQ
#
_cell.length_a   51.820
_cell.length_b   99.582
_cell.length_c   37.763
_cell.angle_alpha   90.00
_cell.angle_beta   90.00
_cell.angle_gamma   90.00
#
_symmetry.space_group_name_H-M   'P 21 21 2'
#
loop_
_entity.id
_entity.type
_entity.pdbx_description
1 polymer 'Phosphoglucan phosphatase LSF2, chloroplastic'
2 non-polymer 'CITRATE ANION'
3 water water
#
_entity_poly.entity_id   1
_entity_poly.type   'polypeptide(L)'
_entity_poly.pdbx_seq_one_letter_code
;GSHMMRSPYEYHHDLGMNYTLIRDELIVGSQPQKPEDIDHLKQEQNVAYILNLQQDKDIEYWGIDLDSIVRRCKELGIRH
MRRPAKDFDPLSLRSQLPKAVSSLEWAVSEGKGRVYVHCSAGLGRAPGVSIAYMYWFCDMNLNTAYDTLVSKRPCGPNKG
AIRGATYDLAKNDPWKEPFESLPENAFEDIADWERKLIQERVRALRGT
;
_entity_poly.pdbx_strand_id   A
#
# COMPACT_ATOMS: atom_id res chain seq x y z
N HIS A 3 24.05 1.15 20.15
CA HIS A 3 23.27 1.08 18.91
C HIS A 3 24.14 0.91 17.72
N MET A 4 23.83 -0.09 16.90
CA MET A 4 24.78 -0.58 15.94
C MET A 4 24.30 -0.47 14.48
N MET A 5 25.21 -0.74 13.56
CA MET A 5 24.89 -0.75 12.13
CA MET A 5 24.89 -0.75 12.13
C MET A 5 23.90 -1.86 11.82
N ARG A 6 22.88 -1.54 11.02
CA ARG A 6 21.95 -2.54 10.51
C ARG A 6 21.86 -2.51 8.98
N SER A 7 21.40 -3.60 8.38
CA SER A 7 21.16 -3.63 6.91
C SER A 7 20.03 -2.68 6.40
N PRO A 8 20.15 -2.09 5.23
CA PRO A 8 19.31 -0.97 4.79
C PRO A 8 17.90 -1.18 4.13
N TYR A 9 17.75 -2.33 3.53
CA TYR A 9 16.55 -2.76 2.78
C TYR A 9 15.80 -3.91 3.48
N GLU A 10 16.09 -4.09 4.75
CA GLU A 10 15.53 -5.21 5.52
C GLU A 10 14.86 -4.64 6.79
N TYR A 11 13.84 -5.33 7.27
CA TYR A 11 13.11 -4.95 8.48
C TYR A 11 13.89 -5.23 9.74
N HIS A 12 13.91 -4.24 10.65
CA HIS A 12 14.54 -4.40 11.97
C HIS A 12 13.49 -4.09 13.02
N HIS A 13 12.75 -5.10 13.40
CA HIS A 13 11.54 -4.94 14.24
C HIS A 13 11.87 -4.38 15.59
N ASP A 14 13.04 -4.75 16.11
CA ASP A 14 13.50 -4.25 17.39
C ASP A 14 13.70 -2.73 17.43
N LEU A 15 13.80 -2.06 16.27
CA LEU A 15 13.91 -0.60 16.24
C LEU A 15 12.57 0.13 16.36
N GLY A 16 11.45 -0.60 16.40
CA GLY A 16 10.13 0.01 16.57
C GLY A 16 9.55 0.48 15.24
N MET A 17 8.35 1.05 15.32
CA MET A 17 7.60 1.43 14.14
C MET A 17 8.40 2.49 13.42
N ASN A 18 8.55 2.34 12.11
CA ASN A 18 9.21 3.36 11.28
C ASN A 18 8.33 3.70 10.09
N TYR A 19 8.45 4.92 9.57
CA TYR A 19 7.57 5.34 8.48
C TYR A 19 8.15 6.54 7.74
N THR A 20 7.58 6.78 6.56
CA THR A 20 8.00 7.85 5.68
C THR A 20 6.76 8.51 5.12
N LEU A 21 6.70 9.84 5.19
CA LEU A 21 5.65 10.60 4.54
C LEU A 21 5.97 10.73 3.05
N ILE A 22 5.04 10.28 2.22
CA ILE A 22 5.35 10.16 0.78
C ILE A 22 4.67 11.30 0.03
N ARG A 23 3.40 11.52 0.37
CA ARG A 23 2.60 12.68 -0.09
C ARG A 23 1.89 13.23 1.15
N ASP A 24 1.37 14.43 1.09
CA ASP A 24 0.70 14.97 2.29
C ASP A 24 -0.37 13.99 2.83
N GLU A 25 -1.07 13.30 1.93
CA GLU A 25 -2.18 12.46 2.35
C GLU A 25 -1.78 11.06 2.75
N LEU A 26 -0.50 10.71 2.56
CA LEU A 26 -0.10 9.31 2.50
C LEU A 26 1.23 9.01 3.19
N ILE A 27 1.21 8.18 4.23
CA ILE A 27 2.40 7.78 4.94
C ILE A 27 2.55 6.29 4.75
N VAL A 28 3.77 5.83 4.47
CA VAL A 28 4.05 4.43 4.26
C VAL A 28 5.00 3.98 5.34
N GLY A 29 4.68 2.89 6.04
CA GLY A 29 5.53 2.49 7.14
C GLY A 29 5.37 1.03 7.53
N SER A 30 5.97 0.71 8.67
CA SER A 30 5.96 -0.65 9.22
C SER A 30 4.82 -0.72 10.21
N GLN A 31 4.57 -1.93 10.68
CA GLN A 31 3.44 -2.14 11.55
C GLN A 31 3.53 -1.38 12.88
N PRO A 32 2.44 -0.72 13.26
CA PRO A 32 2.36 -0.27 14.66
C PRO A 32 2.51 -1.45 15.58
N GLN A 33 3.31 -1.31 16.64
CA GLN A 33 3.62 -2.48 17.47
C GLN A 33 2.85 -2.53 18.77
N LYS A 34 2.36 -1.37 19.20
CA LYS A 34 1.61 -1.28 20.44
C LYS A 34 0.65 -0.08 20.34
N PRO A 35 -0.33 -0.02 21.25
CA PRO A 35 -1.34 1.01 21.09
C PRO A 35 -0.79 2.46 21.13
N GLU A 36 0.26 2.69 21.93
CA GLU A 36 0.94 3.99 22.00
C GLU A 36 1.44 4.51 20.61
N ASP A 37 1.73 3.59 19.70
CA ASP A 37 2.20 3.98 18.35
C ASP A 37 1.05 4.63 17.59
N ILE A 38 -0.21 4.23 17.89
CA ILE A 38 -1.39 4.88 17.30
C ILE A 38 -1.56 6.31 17.83
N ASP A 39 -1.36 6.49 19.15
CA ASP A 39 -1.35 7.84 19.72
C ASP A 39 -0.32 8.73 19.03
N HIS A 40 0.88 8.20 18.80
CA HIS A 40 1.95 8.93 18.09
C HIS A 40 1.46 9.30 16.72
N LEU A 41 0.88 8.36 15.97
CA LEU A 41 0.42 8.67 14.62
C LEU A 41 -0.64 9.77 14.60
N LYS A 42 -1.57 9.73 15.56
CA LYS A 42 -2.69 10.67 15.62
C LYS A 42 -2.12 12.05 15.97
N GLN A 43 -1.26 12.08 16.98
CA GLN A 43 -0.77 13.36 17.54
CA GLN A 43 -0.77 13.35 17.56
C GLN A 43 0.28 14.03 16.68
N GLU A 44 1.23 13.25 16.16
CA GLU A 44 2.35 13.79 15.41
C GLU A 44 2.11 13.85 13.89
N GLN A 45 1.27 12.97 13.38
CA GLN A 45 1.08 12.89 11.92
C GLN A 45 -0.33 13.11 11.43
N ASN A 46 -1.26 13.42 12.34
CA ASN A 46 -2.65 13.69 12.00
C ASN A 46 -3.27 12.55 11.24
N VAL A 47 -2.90 11.31 11.61
CA VAL A 47 -3.44 10.11 10.94
C VAL A 47 -4.90 9.92 11.34
N ALA A 48 -5.75 9.66 10.35
CA ALA A 48 -7.16 9.33 10.57
C ALA A 48 -7.57 7.96 10.07
N TYR A 49 -6.69 7.28 9.33
CA TYR A 49 -6.96 5.99 8.71
C TYR A 49 -5.70 5.17 8.73
N ILE A 50 -5.86 3.87 9.02
CA ILE A 50 -4.74 2.91 8.94
C ILE A 50 -5.17 1.81 7.98
N LEU A 51 -4.31 1.51 7.02
CA LEU A 51 -4.52 0.44 6.06
C LEU A 51 -3.50 -0.65 6.31
N ASN A 52 -3.95 -1.78 6.87
CA ASN A 52 -3.06 -2.84 7.28
C ASN A 52 -3.11 -3.93 6.18
N LEU A 53 -1.97 -4.20 5.56
CA LEU A 53 -1.87 -5.14 4.42
C LEU A 53 -1.37 -6.58 4.84
N GLN A 54 -1.28 -6.85 6.14
CA GLN A 54 -0.76 -8.11 6.62
C GLN A 54 -1.78 -9.24 6.65
N GLN A 55 -1.25 -10.45 6.53
CA GLN A 55 -2.01 -11.65 6.85
C GLN A 55 -1.98 -11.94 8.33
N ASP A 56 -3.03 -12.60 8.82
CA ASP A 56 -3.06 -13.10 10.20
C ASP A 56 -1.72 -13.79 10.62
N LYS A 57 -1.18 -14.65 9.76
CA LYS A 57 0.12 -15.35 9.97
C LYS A 57 1.24 -14.33 10.32
N ASP A 58 1.20 -13.19 9.67
CA ASP A 58 2.22 -12.16 9.97
C ASP A 58 2.05 -11.52 11.35
N ILE A 59 0.80 -11.23 11.72
CA ILE A 59 0.51 -10.57 12.97
C ILE A 59 0.84 -11.58 14.09
N GLU A 60 0.50 -12.85 13.88
CA GLU A 60 0.84 -13.92 14.83
C GLU A 60 2.36 -14.06 15.04
N TYR A 61 3.09 -14.21 13.92
CA TYR A 61 4.56 -14.31 13.97
C TYR A 61 5.15 -13.19 14.81
N TRP A 62 4.68 -11.96 14.58
CA TRP A 62 5.20 -10.78 15.24
C TRP A 62 4.73 -10.54 16.64
N GLY A 63 3.75 -11.34 17.08
CA GLY A 63 3.29 -11.26 18.47
C GLY A 63 2.59 -9.95 18.81
N ILE A 64 1.96 -9.34 17.80
CA ILE A 64 1.26 -8.07 17.94
C ILE A 64 -0.18 -8.33 18.44
N ASP A 65 -0.63 -7.50 19.38
CA ASP A 65 -2.02 -7.53 19.89
C ASP A 65 -2.84 -6.59 19.02
N LEU A 66 -3.30 -7.11 17.88
CA LEU A 66 -4.02 -6.30 16.92
C LEU A 66 -5.31 -5.76 17.50
N ASP A 67 -5.99 -6.55 18.32
CA ASP A 67 -7.26 -6.08 18.88
C ASP A 67 -7.05 -4.82 19.73
N SER A 68 -5.94 -4.75 20.48
CA SER A 68 -5.69 -3.56 21.31
C SER A 68 -5.32 -2.36 20.46
N ILE A 69 -4.65 -2.62 19.34
CA ILE A 69 -4.31 -1.61 18.34
CA ILE A 69 -4.33 -1.55 18.42
C ILE A 69 -5.60 -1.01 17.76
N VAL A 70 -6.45 -1.90 17.25
CA VAL A 70 -7.74 -1.51 16.67
C VAL A 70 -8.62 -0.78 17.70
N ARG A 71 -8.67 -1.30 18.94
CA ARG A 71 -9.44 -0.59 20.01
C ARG A 71 -8.98 0.83 20.19
N ARG A 72 -7.66 1.04 20.18
CA ARG A 72 -7.12 2.40 20.39
C ARG A 72 -7.43 3.30 19.21
N CYS A 73 -7.38 2.75 18.00
CA CYS A 73 -7.82 3.46 16.79
C CYS A 73 -9.25 3.99 16.98
N LYS A 74 -10.17 3.09 17.39
CA LYS A 74 -11.59 3.46 17.59
C LYS A 74 -11.75 4.58 18.65
N GLU A 75 -11.01 4.45 19.75
CA GLU A 75 -11.00 5.45 20.81
C GLU A 75 -10.62 6.83 20.33
N LEU A 76 -9.70 6.89 19.37
CA LEU A 76 -9.18 8.10 18.82
C LEU A 76 -9.88 8.57 17.56
N GLY A 77 -10.90 7.84 17.11
CA GLY A 77 -11.67 8.21 15.91
C GLY A 77 -11.05 7.77 14.59
N ILE A 78 -9.97 7.02 14.66
CA ILE A 78 -9.26 6.50 13.49
C ILE A 78 -9.98 5.26 12.98
N ARG A 79 -10.11 5.15 11.66
CA ARG A 79 -10.64 3.95 11.02
C ARG A 79 -9.48 3.01 10.61
N HIS A 80 -9.58 1.76 11.05
CA HIS A 80 -8.58 0.74 10.77
C HIS A 80 -9.15 -0.19 9.74
N MET A 81 -8.41 -0.40 8.68
CA MET A 81 -8.83 -1.20 7.52
C MET A 81 -7.83 -2.31 7.23
N ARG A 82 -8.31 -3.48 6.86
CA ARG A 82 -7.46 -4.62 6.53
C ARG A 82 -7.73 -5.07 5.10
N ARG A 83 -6.65 -5.15 4.32
CA ARG A 83 -6.63 -5.71 2.99
C ARG A 83 -5.39 -6.60 2.90
N PRO A 84 -5.49 -7.85 3.40
CA PRO A 84 -4.30 -8.70 3.45
C PRO A 84 -3.74 -9.12 2.11
N ALA A 85 -2.43 -9.25 2.08
CA ALA A 85 -1.67 -9.82 0.96
C ALA A 85 -0.48 -10.58 1.51
N LYS A 86 0.00 -11.56 0.75
CA LYS A 86 1.14 -12.39 1.17
C LYS A 86 2.48 -11.67 1.01
N ASP A 87 3.38 -11.87 1.97
CA ASP A 87 4.71 -11.25 1.91
C ASP A 87 5.59 -11.86 0.80
N PHE A 88 6.44 -11.03 0.17
CA PHE A 88 7.36 -11.49 -0.84
C PHE A 88 6.65 -12.39 -1.86
N ASP A 89 5.50 -11.93 -2.33
CA ASP A 89 4.67 -12.70 -3.25
C ASP A 89 4.03 -11.76 -4.26
N PRO A 90 4.71 -11.54 -5.42
CA PRO A 90 4.16 -10.61 -6.43
C PRO A 90 2.79 -11.01 -6.99
N LEU A 91 2.47 -12.31 -7.03
CA LEU A 91 1.17 -12.72 -7.52
CA LEU A 91 1.15 -12.72 -7.53
C LEU A 91 0.07 -12.33 -6.54
N SER A 92 0.33 -12.49 -5.25
CA SER A 92 -0.61 -12.07 -4.25
C SER A 92 -0.80 -10.59 -4.29
N LEU A 93 0.28 -9.84 -4.37
CA LEU A 93 0.16 -8.40 -4.33
C LEU A 93 -0.69 -7.94 -5.56
N ARG A 94 -0.41 -8.55 -6.69
CA ARG A 94 -1.10 -8.18 -7.93
C ARG A 94 -2.59 -8.42 -7.77
N SER A 95 -2.96 -9.57 -7.18
CA SER A 95 -4.37 -9.93 -7.04
CA SER A 95 -4.38 -9.90 -7.07
C SER A 95 -5.09 -8.99 -6.07
N GLN A 96 -4.37 -8.51 -5.05
CA GLN A 96 -5.00 -7.74 -3.97
C GLN A 96 -4.87 -6.24 -4.20
N LEU A 97 -4.06 -5.83 -5.17
CA LEU A 97 -3.81 -4.39 -5.39
C LEU A 97 -5.09 -3.55 -5.62
N PRO A 98 -6.01 -4.04 -6.49
CA PRO A 98 -7.18 -3.18 -6.75
C PRO A 98 -8.01 -2.88 -5.46
N LYS A 99 -8.30 -3.92 -4.67
CA LYS A 99 -9.00 -3.73 -3.40
C LYS A 99 -8.24 -2.88 -2.40
N ALA A 100 -6.92 -3.13 -2.27
CA ALA A 100 -6.11 -2.39 -1.32
C ALA A 100 -6.09 -0.91 -1.73
N VAL A 101 -5.91 -0.64 -3.02
CA VAL A 101 -5.92 0.75 -3.51
C VAL A 101 -7.32 1.42 -3.34
N SER A 102 -8.39 0.62 -3.47
CA SER A 102 -9.76 1.14 -3.31
CA SER A 102 -9.77 1.16 -3.31
C SER A 102 -9.94 1.68 -1.89
N SER A 103 -9.46 0.91 -0.91
CA SER A 103 -9.54 1.34 0.48
C SER A 103 -8.72 2.61 0.72
N LEU A 104 -7.48 2.58 0.23
CA LEU A 104 -6.60 3.76 0.33
C LEU A 104 -7.23 4.99 -0.26
N GLU A 105 -7.69 4.88 -1.50
CA GLU A 105 -8.19 6.04 -2.21
C GLU A 105 -9.51 6.55 -1.57
N TRP A 106 -10.33 5.62 -1.05
CA TRP A 106 -11.56 6.02 -0.36
C TRP A 106 -11.19 6.89 0.83
N ALA A 107 -10.25 6.41 1.64
CA ALA A 107 -9.82 7.07 2.86
C ALA A 107 -9.25 8.46 2.53
N VAL A 108 -8.41 8.55 1.49
CA VAL A 108 -7.91 9.86 1.03
C VAL A 108 -9.07 10.78 0.62
N SER A 109 -10.08 10.26 -0.10
CA SER A 109 -11.17 11.07 -0.60
C SER A 109 -12.01 11.66 0.54
N GLU A 110 -12.18 10.91 1.63
CA GLU A 110 -12.87 11.38 2.84
C GLU A 110 -12.22 12.62 3.46
N GLY A 111 -10.90 12.73 3.37
CA GLY A 111 -10.20 13.97 3.76
C GLY A 111 -10.09 14.30 5.25
N LYS A 112 -10.27 13.33 6.14
CA LYS A 112 -10.30 13.64 7.59
C LYS A 112 -8.90 13.68 8.20
N GLY A 113 -7.92 13.17 7.47
CA GLY A 113 -6.53 13.18 7.94
C GLY A 113 -5.71 12.27 7.07
N ARG A 114 -4.43 12.11 7.44
CA ARG A 114 -3.51 11.29 6.68
C ARG A 114 -3.85 9.79 6.76
N VAL A 115 -3.56 9.06 5.68
CA VAL A 115 -3.72 7.58 5.68
C VAL A 115 -2.35 6.93 5.90
N TYR A 116 -2.28 6.05 6.88
CA TYR A 116 -1.06 5.30 7.22
C TYR A 116 -1.17 3.91 6.59
N VAL A 117 -0.37 3.64 5.55
CA VAL A 117 -0.38 2.37 4.83
C VAL A 117 0.79 1.54 5.27
N HIS A 118 0.56 0.32 5.77
CA HIS A 118 1.64 -0.48 6.28
C HIS A 118 1.45 -1.97 6.02
N CYS A 119 2.56 -2.68 6.05
CA CYS A 119 2.53 -4.14 6.08
C CYS A 119 3.42 -4.52 7.26
N SER A 120 4.12 -5.66 7.24
CA SER A 120 4.98 -5.92 8.41
C SER A 120 6.09 -4.88 8.51
N ALA A 121 6.84 -4.72 7.42
CA ALA A 121 8.00 -3.80 7.35
C ALA A 121 7.72 -2.55 6.57
N GLY A 122 6.68 -2.48 5.74
CA GLY A 122 6.49 -1.27 4.89
C GLY A 122 7.55 -1.21 3.79
N LEU A 123 7.98 -2.38 3.33
CA LEU A 123 9.07 -2.45 2.32
C LEU A 123 8.65 -3.04 0.98
N GLY A 124 7.57 -3.79 0.95
CA GLY A 124 7.07 -4.42 -0.26
C GLY A 124 5.62 -4.07 -0.54
N ARG A 125 4.74 -4.71 0.19
CA ARG A 125 3.28 -4.55 0.04
C ARG A 125 2.87 -3.11 0.19
N ALA A 126 3.24 -2.44 1.29
CA ALA A 126 2.72 -1.11 1.53
C ALA A 126 3.23 -0.07 0.48
N PRO A 127 4.54 -0.09 0.15
CA PRO A 127 4.99 0.79 -0.95
C PRO A 127 4.33 0.47 -2.31
N GLY A 128 4.06 -0.81 -2.54
CA GLY A 128 3.43 -1.29 -3.80
C GLY A 128 2.05 -0.70 -3.98
N VAL A 129 1.25 -0.81 -2.92
CA VAL A 129 -0.09 -0.19 -2.91
C VAL A 129 -0.02 1.33 -3.10
N SER A 130 0.89 1.97 -2.39
CA SER A 130 1.08 3.41 -2.51
C SER A 130 1.49 3.86 -3.91
N ILE A 131 2.41 3.15 -4.54
CA ILE A 131 2.81 3.47 -5.93
C ILE A 131 1.67 3.27 -6.94
N ALA A 132 0.88 2.23 -6.77
CA ALA A 132 -0.28 1.97 -7.63
C ALA A 132 -1.28 3.12 -7.47
N TYR A 133 -1.52 3.53 -6.22
CA TYR A 133 -2.38 4.69 -5.98
C TYR A 133 -1.87 5.94 -6.70
N MET A 134 -0.57 6.23 -6.58
CA MET A 134 -0.01 7.42 -7.26
C MET A 134 -0.13 7.32 -8.77
N TYR A 135 0.13 6.13 -9.29
CA TYR A 135 0.06 5.93 -10.72
C TYR A 135 -1.38 6.14 -11.24
N TRP A 136 -2.36 5.49 -10.59
CA TRP A 136 -3.73 5.49 -11.08
C TRP A 136 -4.52 6.72 -10.79
N PHE A 137 -4.19 7.38 -9.69
CA PHE A 137 -4.98 8.52 -9.21
C PHE A 137 -4.24 9.85 -9.19
N CYS A 138 -2.93 9.89 -9.33
CA CYS A 138 -2.20 11.13 -9.16
C CYS A 138 -1.48 11.62 -10.42
N ASP A 139 -2.00 11.28 -11.61
CA ASP A 139 -1.55 11.81 -12.90
C ASP A 139 -0.02 11.73 -13.17
N MET A 140 0.54 10.54 -12.95
CA MET A 140 1.94 10.21 -13.25
C MET A 140 1.97 8.90 -13.99
N ASN A 141 3.08 8.59 -14.66
CA ASN A 141 3.27 7.24 -15.18
C ASN A 141 3.90 6.36 -14.11
N LEU A 142 4.07 5.08 -14.44
CA LEU A 142 4.45 4.09 -13.44
C LEU A 142 5.87 4.37 -12.98
N ASN A 143 6.77 4.75 -13.90
CA ASN A 143 8.19 4.90 -13.52
C ASN A 143 8.34 6.10 -12.57
N THR A 144 7.59 7.16 -12.85
CA THR A 144 7.56 8.36 -11.98
C THR A 144 6.99 8.03 -10.61
N ALA A 145 5.85 7.36 -10.61
CA ALA A 145 5.24 6.96 -9.35
C ALA A 145 6.23 6.14 -8.49
N TYR A 146 6.85 5.14 -9.14
CA TYR A 146 7.80 4.24 -8.52
C TYR A 146 8.99 5.00 -7.96
N ASP A 147 9.62 5.83 -8.79
CA ASP A 147 10.83 6.54 -8.36
C ASP A 147 10.54 7.55 -7.26
N THR A 148 9.35 8.15 -7.29
CA THR A 148 8.95 9.10 -6.31
C THR A 148 8.87 8.45 -4.92
N LEU A 149 8.31 7.26 -4.82
CA LEU A 149 8.30 6.65 -3.49
C LEU A 149 9.70 6.22 -3.10
N VAL A 150 10.37 5.46 -3.96
CA VAL A 150 11.66 4.84 -3.60
C VAL A 150 12.74 5.84 -3.26
N SER A 151 12.70 7.02 -3.86
CA SER A 151 13.59 8.13 -3.54
CA SER A 151 13.61 8.10 -3.52
C SER A 151 13.43 8.60 -2.10
N LYS A 152 12.22 8.51 -1.57
CA LYS A 152 11.94 8.95 -0.18
C LYS A 152 12.12 7.87 0.87
N ARG A 153 11.73 6.66 0.51
CA ARG A 153 11.79 5.51 1.38
C ARG A 153 12.47 4.38 0.61
N PRO A 154 13.73 4.09 0.95
CA PRO A 154 14.43 3.02 0.25
C PRO A 154 13.78 1.69 0.59
N CYS A 155 13.40 0.96 -0.45
CA CYS A 155 12.64 -0.31 -0.24
C CYS A 155 12.60 -1.03 -1.60
N GLY A 156 11.93 -2.17 -1.64
CA GLY A 156 11.93 -2.98 -2.86
C GLY A 156 10.56 -3.46 -3.29
N PRO A 157 9.62 -2.57 -3.54
CA PRO A 157 8.32 -3.00 -4.06
C PRO A 157 8.38 -3.65 -5.45
N ASN A 158 7.57 -4.67 -5.70
CA ASN A 158 7.56 -5.29 -7.02
C ASN A 158 6.83 -4.45 -8.07
N LYS A 159 7.58 -3.89 -9.03
CA LYS A 159 6.95 -3.10 -10.10
C LYS A 159 6.04 -3.93 -11.01
N GLY A 160 6.45 -5.15 -11.32
CA GLY A 160 5.64 -6.05 -12.14
C GLY A 160 4.26 -6.31 -11.62
N ALA A 161 4.13 -6.36 -10.28
CA ALA A 161 2.82 -6.59 -9.63
C ALA A 161 1.87 -5.42 -9.90
N ILE A 162 2.44 -4.23 -9.86
CA ILE A 162 1.67 -3.03 -10.09
C ILE A 162 1.29 -2.92 -11.59
N ARG A 163 2.24 -3.19 -12.47
CA ARG A 163 1.97 -3.23 -13.90
C ARG A 163 0.89 -4.27 -14.23
N GLY A 164 0.96 -5.45 -13.61
CA GLY A 164 -0.02 -6.53 -13.87
C GLY A 164 -1.43 -6.17 -13.33
N ALA A 165 -1.52 -5.54 -12.18
CA ALA A 165 -2.83 -5.04 -11.68
C ALA A 165 -3.41 -3.97 -12.60
N THR A 166 -2.53 -3.15 -13.20
CA THR A 166 -2.96 -2.14 -14.17
C THR A 166 -3.57 -2.84 -15.39
N TYR A 167 -2.87 -3.85 -15.91
CA TYR A 167 -3.41 -4.70 -17.00
C TYR A 167 -4.76 -5.27 -16.59
N ASP A 168 -4.86 -5.78 -15.37
CA ASP A 168 -6.08 -6.45 -14.90
C ASP A 168 -7.26 -5.47 -14.91
N LEU A 169 -7.02 -4.25 -14.44
CA LEU A 169 -8.08 -3.26 -14.34
C LEU A 169 -8.43 -2.60 -15.68
N ALA A 170 -7.49 -2.61 -16.64
CA ALA A 170 -7.75 -1.96 -17.93
C ALA A 170 -8.36 -2.98 -18.88
N LYS A 171 -8.41 -4.25 -18.47
CA LYS A 171 -8.83 -5.35 -19.37
C LYS A 171 -10.32 -5.31 -19.68
N ASN A 172 -10.63 -5.40 -20.97
CA ASN A 172 -12.04 -5.50 -21.43
C ASN A 172 -12.35 -6.79 -22.19
N ASP A 173 -11.36 -7.65 -22.39
CA ASP A 173 -11.53 -8.91 -23.09
C ASP A 173 -11.01 -10.04 -22.18
N PRO A 174 -11.90 -10.90 -21.67
CA PRO A 174 -11.38 -11.95 -20.80
C PRO A 174 -10.42 -12.90 -21.53
N TRP A 175 -10.39 -12.89 -22.87
CA TRP A 175 -9.46 -13.73 -23.66
C TRP A 175 -8.31 -12.96 -24.30
N LYS A 176 -7.93 -11.85 -23.69
CA LYS A 176 -6.74 -11.10 -24.07
C LYS A 176 -5.50 -12.00 -23.81
N GLU A 177 -4.43 -11.88 -24.59
CA GLU A 177 -3.20 -12.58 -24.22
C GLU A 177 -2.81 -12.21 -22.78
N PRO A 178 -2.26 -13.17 -22.05
CA PRO A 178 -1.88 -12.93 -20.67
C PRO A 178 -0.80 -11.87 -20.47
N PHE A 179 -0.84 -11.27 -19.30
CA PHE A 179 0.12 -10.25 -18.90
C PHE A 179 1.54 -10.78 -19.00
N GLU A 180 1.73 -12.04 -18.67
CA GLU A 180 3.04 -12.70 -18.59
C GLU A 180 3.70 -12.84 -19.95
N SER A 181 2.95 -12.69 -21.01
CA SER A 181 3.51 -12.74 -22.35
CA SER A 181 3.51 -12.73 -22.36
C SER A 181 4.02 -11.36 -22.84
N LEU A 182 3.64 -10.28 -22.14
CA LEU A 182 3.99 -8.89 -22.57
C LEU A 182 5.37 -8.42 -22.05
N PRO A 183 6.08 -7.59 -22.83
CA PRO A 183 7.39 -7.06 -22.38
C PRO A 183 7.27 -6.07 -21.21
N GLU A 184 8.41 -5.77 -20.56
CA GLU A 184 8.44 -4.93 -19.36
CA GLU A 184 8.48 -4.92 -19.37
C GLU A 184 7.71 -3.61 -19.56
N ASN A 185 7.67 -3.08 -20.78
CA ASN A 185 7.06 -1.76 -20.99
C ASN A 185 5.52 -1.68 -21.03
N ALA A 186 4.83 -2.79 -21.31
CA ALA A 186 3.36 -2.79 -21.37
C ALA A 186 2.74 -2.30 -20.05
N PHE A 187 1.80 -1.38 -20.19
CA PHE A 187 1.08 -0.76 -19.08
C PHE A 187 1.92 0.01 -18.08
N GLU A 188 3.08 0.51 -18.53
CA GLU A 188 3.91 1.39 -17.69
C GLU A 188 3.46 2.86 -17.86
N ASP A 189 2.68 3.10 -18.91
CA ASP A 189 1.83 4.27 -18.96
C ASP A 189 0.47 3.78 -19.43
N ILE A 190 -0.52 4.63 -19.22
CA ILE A 190 -1.90 4.36 -19.58
C ILE A 190 -2.44 5.62 -20.25
N ALA A 191 -3.28 5.43 -21.26
CA ALA A 191 -3.95 6.54 -21.95
C ALA A 191 -5.00 7.14 -21.02
N ASP A 192 -5.47 8.35 -21.33
CA ASP A 192 -6.44 8.99 -20.44
C ASP A 192 -7.73 8.16 -20.25
N TRP A 193 -8.22 7.50 -21.30
CA TRP A 193 -9.47 6.73 -21.20
C TRP A 193 -9.28 5.49 -20.34
N GLU A 194 -8.12 4.85 -20.46
CA GLU A 194 -7.75 3.73 -19.59
C GLU A 194 -7.63 4.15 -18.14
N ARG A 195 -7.02 5.31 -17.88
CA ARG A 195 -6.89 5.82 -16.50
C ARG A 195 -8.29 6.05 -15.90
N LYS A 196 -9.21 6.57 -16.69
CA LYS A 196 -10.57 6.83 -16.21
C LYS A 196 -11.26 5.50 -15.90
N LEU A 197 -11.07 4.50 -16.77
CA LEU A 197 -11.66 3.18 -16.59
C LEU A 197 -11.15 2.56 -15.27
N ILE A 198 -9.84 2.61 -15.07
CA ILE A 198 -9.21 2.07 -13.87
C ILE A 198 -9.75 2.74 -12.59
N GLN A 199 -9.83 4.06 -12.58
CA GLN A 199 -10.33 4.80 -11.42
C GLN A 199 -11.76 4.38 -11.10
N GLU A 200 -12.63 4.20 -12.11
CA GLU A 200 -14.00 3.79 -11.84
C GLU A 200 -14.09 2.37 -11.30
N ARG A 201 -13.29 1.46 -11.85
CA ARG A 201 -13.28 0.11 -11.40
C ARG A 201 -12.73 -0.02 -9.98
N VAL A 202 -11.70 0.76 -9.67
CA VAL A 202 -11.15 0.76 -8.31
C VAL A 202 -12.21 1.29 -7.34
N ARG A 203 -12.84 2.39 -7.68
CA ARG A 203 -13.85 2.92 -6.76
C ARG A 203 -15.06 1.97 -6.60
N ALA A 204 -15.36 1.19 -7.62
CA ALA A 204 -16.44 0.24 -7.56
C ALA A 204 -16.17 -0.89 -6.57
N LEU A 205 -14.91 -1.07 -6.14
CA LEU A 205 -14.56 -2.11 -5.18
C LEU A 205 -14.69 -1.62 -3.74
N ARG A 206 -14.96 -0.33 -3.56
CA ARG A 206 -15.16 0.25 -2.22
C ARG A 206 -16.23 -0.52 -1.48
N GLY A 207 -15.83 -1.20 -0.40
CA GLY A 207 -16.77 -1.96 0.41
C GLY A 207 -17.24 -3.25 -0.23
N THR A 208 -16.34 -3.91 -0.96
CA THR A 208 -16.55 -5.29 -1.41
C THR A 208 -15.69 -6.20 -0.55
#